data_3B71
#
_entry.id   3B71
#
_cell.length_a   88.071
_cell.length_b   220.472
_cell.length_c   97.546
_cell.angle_alpha   90.00
_cell.angle_beta   90.00
_cell.angle_gamma   90.00
#
_symmetry.space_group_name_H-M   'C 2 2 21'
#
loop_
_entity.id
_entity.type
_entity.pdbx_description
1 polymer 'Focal adhesion kinase 1'
2 polymer 'T-cell surface glycoprotein CD4'
#
loop_
_entity_poly.entity_id
_entity_poly.type
_entity_poly.pdbx_seq_one_letter_code
_entity_poly.pdbx_strand_id
1 'polypeptide(L)'
;LSSPADSYNEGVKLQPQEISPPPTANLDRSNDKVYENVTGLVKAVIEMSSKIQPAPPEEYVPMVKEVGLALRTLLATVDE
TIPLLPASTHREIEMAQKLLNSDLGELINKMKLAQQYVMTSLQQEYKKQMLTAAHALAVDAKNLLDVIDQARLKMLGQTR
PH
;
A,B,C
2 'polypeptide(L)' QAERMSQIKRLLSEKKTCQCPHR D,E,F
#
# COMPACT_ATOMS: atom_id res chain seq x y z
N ASN A 26 -16.29 -0.82 -23.44
CA ASN A 26 -15.58 0.17 -22.57
C ASN A 26 -15.34 -0.32 -21.13
N LEU A 27 -16.02 0.31 -20.16
CA LEU A 27 -15.86 0.02 -18.71
C LEU A 27 -16.27 -1.36 -18.26
N ASP A 28 -15.43 -1.93 -17.43
CA ASP A 28 -15.74 -3.18 -16.82
C ASP A 28 -16.89 -2.97 -15.85
N ARG A 29 -17.96 -3.73 -16.02
CA ARG A 29 -19.10 -3.69 -15.10
C ARG A 29 -19.17 -4.88 -14.11
N SER A 30 -18.11 -5.71 -14.04
CA SER A 30 -18.12 -6.91 -13.15
C SER A 30 -18.64 -6.65 -11.72
N ASN A 31 -18.14 -5.60 -11.06
CA ASN A 31 -18.70 -5.15 -9.78
C ASN A 31 -19.00 -3.64 -9.82
N ASP A 32 -19.76 -3.21 -10.81
CA ASP A 32 -20.25 -1.84 -10.85
C ASP A 32 -21.61 -1.85 -10.21
N LYS A 33 -21.70 -1.45 -8.94
CA LYS A 33 -22.97 -1.53 -8.24
C LYS A 33 -24.00 -0.56 -8.87
N VAL A 34 -23.50 0.57 -9.35
CA VAL A 34 -24.36 1.62 -9.83
C VAL A 34 -25.06 1.03 -11.03
N TYR A 35 -24.27 0.54 -11.95
CA TYR A 35 -24.78 -0.09 -13.15
C TYR A 35 -25.78 -1.24 -12.88
N GLU A 36 -25.55 -2.08 -11.87
CA GLU A 36 -26.54 -3.12 -11.54
C GLU A 36 -27.80 -2.48 -11.03
N ASN A 37 -27.64 -1.47 -10.17
CA ASN A 37 -28.78 -0.90 -9.52
C ASN A 37 -29.66 -0.12 -10.51
N VAL A 38 -28.99 0.53 -11.46
CA VAL A 38 -29.66 1.20 -12.56
C VAL A 38 -30.32 0.20 -13.50
N THR A 39 -29.64 -0.88 -13.82
CA THR A 39 -30.28 -1.94 -14.57
C THR A 39 -31.56 -2.44 -13.87
N GLY A 40 -31.44 -2.82 -12.62
CA GLY A 40 -32.53 -3.42 -11.90
C GLY A 40 -33.66 -2.44 -11.74
N LEU A 41 -33.38 -1.13 -11.76
CA LEU A 41 -34.45 -0.12 -11.66
C LEU A 41 -35.11 0.05 -13.00
N VAL A 42 -34.31 -0.06 -14.06
CA VAL A 42 -34.85 0.05 -15.38
C VAL A 42 -35.71 -1.15 -15.67
N LYS A 43 -35.20 -2.37 -15.42
CA LYS A 43 -36.03 -3.56 -15.52
C LYS A 43 -37.33 -3.39 -14.72
N ALA A 44 -37.26 -2.78 -13.56
CA ALA A 44 -38.47 -2.67 -12.78
C ALA A 44 -39.52 -1.84 -13.48
N VAL A 45 -39.10 -0.70 -14.05
CA VAL A 45 -40.01 0.14 -14.82
C VAL A 45 -40.56 -0.67 -15.99
N ILE A 46 -39.70 -1.42 -16.67
CA ILE A 46 -40.17 -2.18 -17.83
C ILE A 46 -41.22 -3.22 -17.45
N GLU A 47 -40.88 -4.04 -16.47
CA GLU A 47 -41.79 -4.98 -15.87
C GLU A 47 -43.18 -4.36 -15.59
N MET A 48 -43.19 -3.21 -14.90
CA MET A 48 -44.44 -2.58 -14.50
C MET A 48 -45.21 -2.23 -15.72
N SER A 49 -44.54 -1.54 -16.65
CA SER A 49 -45.16 -1.11 -17.90
C SER A 49 -45.81 -2.22 -18.65
N SER A 50 -45.12 -3.35 -18.84
CA SER A 50 -45.69 -4.40 -19.68
C SER A 50 -46.95 -5.01 -19.06
N LYS A 51 -46.97 -4.91 -17.73
CA LYS A 51 -47.97 -5.59 -16.92
C LYS A 51 -49.19 -4.73 -16.64
N ILE A 52 -49.07 -3.45 -16.87
CA ILE A 52 -49.98 -2.52 -16.23
C ILE A 52 -51.43 -2.60 -16.73
N GLN A 53 -51.61 -2.69 -18.04
CA GLN A 53 -52.96 -2.50 -18.58
C GLN A 53 -54.01 -3.50 -18.03
N PRO A 54 -53.78 -4.82 -18.23
CA PRO A 54 -54.67 -5.85 -17.67
C PRO A 54 -54.94 -5.82 -16.14
N ALA A 55 -54.37 -4.87 -15.40
CA ALA A 55 -54.07 -5.08 -14.00
C ALA A 55 -54.83 -4.19 -13.05
N PRO A 56 -55.43 -4.81 -12.00
CA PRO A 56 -56.09 -4.13 -10.88
C PRO A 56 -55.05 -3.64 -9.89
N PRO A 57 -55.44 -2.75 -8.95
CA PRO A 57 -54.60 -2.15 -7.89
C PRO A 57 -53.87 -3.12 -6.95
N GLU A 58 -54.43 -4.29 -6.66
CA GLU A 58 -53.73 -5.33 -5.86
C GLU A 58 -52.53 -5.88 -6.62
N GLU A 59 -52.48 -5.68 -7.93
CA GLU A 59 -51.30 -6.08 -8.74
C GLU A 59 -50.40 -4.88 -9.05
N TYR A 60 -50.96 -3.75 -9.46
CA TYR A 60 -50.11 -2.62 -9.82
C TYR A 60 -49.56 -1.68 -8.75
N VAL A 61 -49.99 -1.82 -7.48
CA VAL A 61 -49.34 -1.06 -6.42
C VAL A 61 -48.03 -1.76 -6.03
N PRO A 62 -48.07 -3.09 -5.78
CA PRO A 62 -46.82 -3.78 -5.53
C PRO A 62 -45.76 -3.45 -6.54
N MET A 63 -46.07 -3.48 -7.83
CA MET A 63 -44.99 -3.20 -8.77
C MET A 63 -44.43 -1.77 -8.65
N VAL A 64 -45.26 -0.79 -8.37
CA VAL A 64 -44.66 0.50 -8.07
C VAL A 64 -43.77 0.51 -6.82
N LYS A 65 -44.21 -0.19 -5.74
CA LYS A 65 -43.33 -0.38 -4.54
C LYS A 65 -41.98 -0.88 -4.99
N GLU A 66 -42.05 -1.81 -5.95
CA GLU A 66 -40.93 -2.57 -6.42
C GLU A 66 -40.00 -1.64 -7.14
N VAL A 67 -40.56 -0.67 -7.83
CA VAL A 67 -39.74 0.37 -8.45
C VAL A 67 -39.10 1.19 -7.37
N GLY A 68 -39.90 1.71 -6.46
CA GLY A 68 -39.38 2.64 -5.43
C GLY A 68 -38.21 2.03 -4.70
N LEU A 69 -38.42 0.78 -4.28
CA LEU A 69 -37.37 0.07 -3.56
C LEU A 69 -36.08 0.02 -4.40
N ALA A 70 -36.23 -0.29 -5.67
CA ALA A 70 -35.07 -0.29 -6.56
C ALA A 70 -34.40 1.08 -6.57
N LEU A 71 -35.21 2.12 -6.65
CA LEU A 71 -34.72 3.46 -6.67
C LEU A 71 -33.89 3.75 -5.44
N ARG A 72 -34.39 3.36 -4.27
CA ARG A 72 -33.68 3.73 -3.05
C ARG A 72 -32.39 2.98 -3.03
N THR A 73 -32.42 1.70 -3.38
CA THR A 73 -31.20 0.89 -3.40
C THR A 73 -30.21 1.65 -4.29
N LEU A 74 -30.74 2.28 -5.33
CA LEU A 74 -29.89 2.96 -6.29
C LEU A 74 -29.29 4.26 -5.73
N LEU A 75 -30.09 5.02 -4.99
CA LEU A 75 -29.59 6.28 -4.54
C LEU A 75 -28.56 6.04 -3.43
N ALA A 76 -28.85 5.08 -2.54
CA ALA A 76 -27.90 4.70 -1.48
C ALA A 76 -26.54 4.37 -2.10
N THR A 77 -26.53 3.58 -3.16
CA THR A 77 -25.26 3.20 -3.74
C THR A 77 -24.54 4.46 -4.20
N VAL A 78 -25.27 5.30 -4.91
CA VAL A 78 -24.65 6.51 -5.36
C VAL A 78 -24.12 7.33 -4.20
N ASP A 79 -24.84 7.40 -3.08
CA ASP A 79 -24.31 8.17 -1.96
C ASP A 79 -22.91 7.66 -1.59
N GLU A 80 -22.70 6.34 -1.60
CA GLU A 80 -21.37 5.75 -1.29
C GLU A 80 -20.30 5.98 -2.32
N THR A 81 -20.69 6.42 -3.49
CA THR A 81 -19.78 6.46 -4.58
C THR A 81 -19.29 7.86 -4.73
N ILE A 82 -20.22 8.79 -4.64
CA ILE A 82 -19.90 10.19 -4.62
C ILE A 82 -18.49 10.46 -4.05
N PRO A 83 -18.24 10.17 -2.76
CA PRO A 83 -16.96 10.61 -2.22
C PRO A 83 -15.71 10.06 -2.91
N LEU A 84 -15.86 9.04 -3.76
CA LEU A 84 -14.73 8.47 -4.54
C LEU A 84 -14.47 9.19 -5.85
N LEU A 85 -15.46 9.95 -6.29
CA LEU A 85 -15.44 10.63 -7.58
C LEU A 85 -15.04 12.09 -7.39
N PRO A 86 -14.30 12.67 -8.38
CA PRO A 86 -13.76 14.04 -8.29
C PRO A 86 -14.79 15.06 -7.79
N ALA A 87 -14.31 16.19 -7.28
CA ALA A 87 -15.15 17.17 -6.59
C ALA A 87 -16.10 17.80 -7.57
N SER A 88 -15.56 18.06 -8.76
CA SER A 88 -16.21 18.86 -9.79
C SER A 88 -17.47 18.23 -10.40
N THR A 89 -17.78 17.00 -10.04
CA THR A 89 -18.89 16.32 -10.66
C THR A 89 -20.01 16.09 -9.68
N HIS A 90 -19.78 16.47 -8.42
CA HIS A 90 -20.73 16.14 -7.35
C HIS A 90 -22.07 16.82 -7.55
N ARG A 91 -22.03 18.12 -7.86
CA ARG A 91 -23.25 18.92 -7.99
C ARG A 91 -24.23 18.22 -8.94
N GLU A 92 -23.81 18.16 -10.21
CA GLU A 92 -24.53 17.50 -11.30
C GLU A 92 -25.19 16.17 -10.91
N ILE A 93 -24.45 15.31 -10.20
CA ILE A 93 -25.00 14.04 -9.74
C ILE A 93 -26.13 14.26 -8.76
N GLU A 94 -25.84 15.00 -7.70
CA GLU A 94 -26.84 15.20 -6.70
C GLU A 94 -28.09 15.69 -7.37
N MET A 95 -27.98 16.60 -8.33
CA MET A 95 -29.18 17.06 -9.03
C MET A 95 -29.89 15.90 -9.77
N ALA A 96 -29.14 15.07 -10.47
CA ALA A 96 -29.74 13.90 -11.12
C ALA A 96 -30.48 12.98 -10.14
N GLN A 97 -29.95 12.91 -8.92
CA GLN A 97 -30.61 12.22 -7.82
C GLN A 97 -31.89 12.96 -7.40
N LYS A 98 -31.78 14.26 -7.18
CA LYS A 98 -32.94 15.11 -6.87
C LYS A 98 -34.09 14.67 -7.80
N LEU A 99 -33.81 14.82 -9.11
CA LEU A 99 -34.73 14.50 -10.17
C LEU A 99 -35.40 13.15 -10.03
N LEU A 100 -34.62 12.10 -9.81
CA LEU A 100 -35.18 10.77 -9.71
C LEU A 100 -36.25 10.71 -8.63
N ASN A 101 -35.96 11.27 -7.45
CA ASN A 101 -36.98 11.30 -6.41
C ASN A 101 -38.21 12.00 -6.93
N SER A 102 -37.97 13.17 -7.50
CA SER A 102 -39.05 13.95 -8.07
C SER A 102 -39.96 13.06 -8.99
N ASP A 103 -39.31 12.32 -9.88
CA ASP A 103 -40.00 11.47 -10.82
C ASP A 103 -40.82 10.47 -10.08
N LEU A 104 -40.23 9.88 -9.03
CA LEU A 104 -40.93 8.80 -8.31
C LEU A 104 -42.16 9.39 -7.69
N GLY A 105 -42.00 10.59 -7.14
CA GLY A 105 -43.09 11.25 -6.46
C GLY A 105 -44.19 11.27 -7.50
N GLU A 106 -43.83 11.88 -8.63
CA GLU A 106 -44.76 12.15 -9.71
C GLU A 106 -45.44 10.85 -10.20
N LEU A 107 -44.72 9.73 -10.16
CA LEU A 107 -45.34 8.45 -10.53
C LEU A 107 -46.35 7.99 -9.47
N ILE A 108 -46.02 8.15 -8.19
CA ILE A 108 -46.96 7.83 -7.15
C ILE A 108 -48.22 8.67 -7.31
N ASN A 109 -48.11 9.97 -7.58
CA ASN A 109 -49.32 10.76 -7.73
C ASN A 109 -50.28 10.16 -8.72
N LYS A 110 -49.73 9.74 -9.85
CA LYS A 110 -50.55 9.22 -10.92
C LYS A 110 -51.10 7.86 -10.49
N MET A 111 -50.24 7.10 -9.81
CA MET A 111 -50.68 5.86 -9.22
C MET A 111 -51.91 6.01 -8.31
N LYS A 112 -51.96 7.09 -7.55
CA LYS A 112 -53.00 7.24 -6.62
C LYS A 112 -54.23 7.65 -7.40
N LEU A 113 -54.05 8.53 -8.38
CA LEU A 113 -55.18 8.92 -9.22
C LEU A 113 -55.82 7.70 -9.84
N ALA A 114 -55.00 6.83 -10.45
CA ALA A 114 -55.52 5.65 -11.13
C ALA A 114 -56.25 4.69 -10.20
N GLN A 115 -56.00 4.80 -8.91
CA GLN A 115 -56.67 3.95 -7.95
C GLN A 115 -58.01 4.51 -7.54
N GLN A 116 -58.09 5.83 -7.49
CA GLN A 116 -59.31 6.56 -7.18
C GLN A 116 -60.37 6.16 -8.22
N TYR A 117 -59.93 6.06 -9.48
CA TYR A 117 -60.81 5.89 -10.63
C TYR A 117 -60.76 4.47 -11.24
N VAL A 118 -60.67 3.46 -10.38
CA VAL A 118 -60.74 2.05 -10.74
C VAL A 118 -62.12 1.69 -11.30
N MET A 119 -62.14 0.88 -12.36
CA MET A 119 -63.40 0.42 -12.96
C MET A 119 -64.38 1.59 -13.23
N THR A 120 -63.83 2.60 -13.89
CA THR A 120 -64.56 3.76 -14.38
C THR A 120 -63.98 4.06 -15.74
N SER A 121 -64.75 4.80 -16.52
CA SER A 121 -64.28 5.38 -17.78
C SER A 121 -62.80 5.80 -17.79
N LEU A 122 -62.30 6.34 -16.68
CA LEU A 122 -60.93 6.94 -16.72
C LEU A 122 -59.73 6.07 -16.34
N GLN A 123 -59.98 4.94 -15.71
CA GLN A 123 -58.93 4.02 -15.33
C GLN A 123 -57.78 4.19 -16.26
N GLN A 124 -57.96 3.62 -17.44
CA GLN A 124 -56.95 3.49 -18.44
C GLN A 124 -56.20 4.78 -18.80
N GLU A 125 -56.90 5.90 -18.94
CA GLU A 125 -56.20 7.09 -19.38
C GLU A 125 -55.31 7.63 -18.27
N TYR A 126 -55.49 7.16 -17.04
CA TYR A 126 -54.58 7.54 -15.95
C TYR A 126 -53.38 6.61 -15.90
N LYS A 127 -53.60 5.35 -16.29
CA LYS A 127 -52.48 4.44 -16.44
C LYS A 127 -51.54 4.97 -17.50
N LYS A 128 -52.06 5.68 -18.49
CA LYS A 128 -51.20 6.33 -19.48
C LYS A 128 -50.21 7.29 -18.82
N GLN A 129 -50.69 8.09 -17.88
CA GLN A 129 -49.84 9.11 -17.29
C GLN A 129 -48.87 8.52 -16.27
N MET A 130 -49.21 7.34 -15.74
CA MET A 130 -48.23 6.55 -14.99
C MET A 130 -47.08 6.11 -15.90
N LEU A 131 -47.44 5.57 -17.07
CA LEU A 131 -46.43 5.08 -18.02
C LEU A 131 -45.54 6.22 -18.43
N THR A 132 -46.11 7.39 -18.67
CA THR A 132 -45.28 8.51 -18.97
C THR A 132 -44.30 8.79 -17.84
N ALA A 133 -44.78 8.72 -16.60
CA ALA A 133 -43.95 9.07 -15.45
C ALA A 133 -42.85 8.09 -15.26
N ALA A 134 -43.14 6.80 -15.47
CA ALA A 134 -42.15 5.75 -15.25
C ALA A 134 -41.07 5.81 -16.36
N HIS A 135 -41.52 5.95 -17.60
CA HIS A 135 -40.59 6.17 -18.68
C HIS A 135 -39.68 7.38 -18.39
N ALA A 136 -40.18 8.44 -17.74
CA ALA A 136 -39.31 9.51 -17.31
C ALA A 136 -38.28 8.95 -16.34
N LEU A 137 -38.75 8.21 -15.35
CA LEU A 137 -37.84 7.74 -14.33
C LEU A 137 -36.70 6.95 -14.99
N ALA A 138 -37.03 5.99 -15.81
CA ALA A 138 -36.00 5.17 -16.46
C ALA A 138 -35.02 6.05 -17.22
N VAL A 139 -35.53 6.96 -18.05
CA VAL A 139 -34.68 7.86 -18.81
C VAL A 139 -33.68 8.59 -17.91
N ASP A 140 -34.16 9.14 -16.80
CA ASP A 140 -33.35 9.89 -15.85
C ASP A 140 -32.38 9.03 -15.07
N ALA A 141 -32.75 7.77 -14.81
CA ALA A 141 -31.82 6.86 -14.15
C ALA A 141 -30.68 6.55 -15.12
N LYS A 142 -31.06 6.32 -16.37
CA LYS A 142 -30.11 6.13 -17.42
C LYS A 142 -29.22 7.37 -17.48
N ASN A 143 -29.79 8.56 -17.30
CA ASN A 143 -28.93 9.70 -17.37
C ASN A 143 -28.02 9.79 -16.18
N LEU A 144 -28.51 9.37 -15.02
CA LEU A 144 -27.68 9.38 -13.83
C LEU A 144 -26.49 8.50 -14.09
N LEU A 145 -26.74 7.26 -14.47
CA LEU A 145 -25.64 6.36 -14.84
C LEU A 145 -24.58 7.06 -15.77
N ASP A 146 -25.06 7.73 -16.82
CA ASP A 146 -24.16 8.44 -17.69
C ASP A 146 -23.24 9.37 -16.91
N VAL A 147 -23.80 10.16 -15.99
CA VAL A 147 -23.01 11.12 -15.21
C VAL A 147 -21.92 10.40 -14.45
N ILE A 148 -22.32 9.43 -13.65
CA ILE A 148 -21.37 8.61 -12.89
C ILE A 148 -20.17 8.15 -13.73
N ASP A 149 -20.45 7.50 -14.86
CA ASP A 149 -19.43 7.02 -15.79
C ASP A 149 -18.44 8.11 -16.12
N GLN A 150 -18.95 9.21 -16.64
CA GLN A 150 -18.15 10.36 -16.95
C GLN A 150 -17.28 10.75 -15.76
N ALA A 151 -17.82 10.54 -14.56
CA ALA A 151 -17.08 10.84 -13.37
C ALA A 151 -15.98 9.83 -13.19
N ARG A 152 -16.31 8.55 -13.18
CA ARG A 152 -15.28 7.54 -13.05
C ARG A 152 -14.18 7.74 -14.10
N LEU A 153 -14.59 7.90 -15.36
CA LEU A 153 -13.66 8.00 -16.46
C LEU A 153 -12.77 9.13 -16.14
N LYS A 154 -13.33 10.20 -15.61
CA LYS A 154 -12.47 11.32 -15.29
C LYS A 154 -11.48 10.85 -14.26
N MET A 155 -11.97 10.22 -13.19
CA MET A 155 -11.19 9.84 -12.00
C MET A 155 -10.23 8.70 -12.28
N LEU A 156 -10.59 7.89 -13.27
CA LEU A 156 -9.77 6.77 -13.65
C LEU A 156 -8.68 7.18 -14.60
N GLY A 157 -8.76 8.40 -15.13
CA GLY A 157 -7.68 8.99 -15.94
C GLY A 157 -7.75 8.73 -17.44
N GLN A 158 -8.97 8.52 -17.94
CA GLN A 158 -9.32 8.35 -19.36
C GLN A 158 -8.96 9.61 -20.19
N THR A 159 -8.56 9.44 -21.46
CA THR A 159 -7.87 10.52 -22.26
C THR A 159 -8.68 11.48 -23.22
N ILE B 19 14.48 -1.90 -12.83
CA ILE B 19 14.17 -0.81 -13.81
C ILE B 19 12.80 -0.86 -14.52
N SER B 20 12.07 0.27 -14.59
CA SER B 20 10.83 0.34 -15.44
C SER B 20 10.51 1.65 -16.21
N PRO B 21 9.73 1.56 -17.31
CA PRO B 21 9.50 2.69 -18.23
C PRO B 21 8.72 3.88 -17.64
N PRO B 22 8.93 5.07 -18.20
CA PRO B 22 8.25 6.14 -17.47
C PRO B 22 6.78 5.87 -17.61
N PRO B 23 6.01 6.17 -16.58
CA PRO B 23 4.65 5.67 -16.41
C PRO B 23 3.80 5.89 -17.64
N THR B 24 2.90 4.92 -17.92
CA THR B 24 2.12 4.95 -19.17
C THR B 24 1.68 6.36 -19.53
N ALA B 25 1.73 6.68 -20.81
CA ALA B 25 1.18 7.94 -21.26
C ALA B 25 -0.25 7.77 -21.76
N ASN B 26 -0.87 6.63 -21.45
CA ASN B 26 -2.25 6.35 -21.87
C ASN B 26 -3.28 6.66 -20.77
N LEU B 27 -2.86 7.41 -19.78
CA LEU B 27 -3.76 7.91 -18.75
C LEU B 27 -3.63 9.44 -18.60
N ASP B 28 -4.72 10.14 -18.29
CA ASP B 28 -4.63 11.52 -17.88
C ASP B 28 -4.16 11.80 -16.42
N ARG B 29 -3.22 12.75 -16.32
CA ARG B 29 -2.54 13.01 -15.07
C ARG B 29 -2.86 14.37 -14.40
N SER B 30 -3.86 15.09 -14.90
CA SER B 30 -4.19 16.39 -14.32
C SER B 30 -5.20 16.31 -13.16
N ASN B 31 -5.84 15.13 -13.05
CA ASN B 31 -6.82 14.78 -12.01
C ASN B 31 -6.30 13.53 -11.29
N ASP B 32 -4.98 13.42 -11.15
CA ASP B 32 -4.44 12.15 -10.68
C ASP B 32 -3.74 12.32 -9.34
N LYS B 33 -4.49 11.99 -8.27
CA LYS B 33 -4.05 12.23 -6.90
C LYS B 33 -3.05 11.18 -6.52
N VAL B 34 -3.20 9.97 -7.04
CA VAL B 34 -2.22 8.95 -6.76
C VAL B 34 -0.86 9.36 -7.35
N TYR B 35 -0.90 10.00 -8.51
CA TYR B 35 0.33 10.44 -9.16
C TYR B 35 0.92 11.61 -8.38
N GLU B 36 0.07 12.51 -7.91
CA GLU B 36 0.55 13.63 -7.12
C GLU B 36 1.19 13.10 -5.87
N ASN B 37 0.46 12.20 -5.20
CA ASN B 37 0.94 11.72 -3.90
C ASN B 37 2.26 11.00 -4.01
N VAL B 38 2.32 9.93 -4.81
CA VAL B 38 3.63 9.43 -5.17
C VAL B 38 4.66 10.60 -5.51
N THR B 39 4.30 11.56 -6.37
CA THR B 39 5.31 12.60 -6.64
C THR B 39 5.75 13.31 -5.36
N GLY B 40 4.80 13.76 -4.54
CA GLY B 40 5.13 14.50 -3.33
C GLY B 40 5.97 13.66 -2.38
N LEU B 41 5.64 12.36 -2.26
CA LEU B 41 6.41 11.46 -1.38
C LEU B 41 7.84 11.31 -1.85
N VAL B 42 8.02 11.16 -3.16
CA VAL B 42 9.40 11.08 -3.64
C VAL B 42 10.13 12.40 -3.40
N LYS B 43 9.43 13.51 -3.62
CA LYS B 43 10.05 14.79 -3.35
C LYS B 43 10.58 14.82 -1.89
N ALA B 44 9.76 14.36 -0.94
CA ALA B 44 10.14 14.38 0.48
C ALA B 44 11.43 13.60 0.63
N VAL B 45 11.40 12.39 0.11
CA VAL B 45 12.60 11.57 0.16
C VAL B 45 13.84 12.30 -0.41
N ILE B 46 13.70 12.97 -1.55
CA ILE B 46 14.85 13.68 -2.12
C ILE B 46 15.36 14.79 -1.22
N GLU B 47 14.42 15.61 -0.72
CA GLU B 47 14.67 16.62 0.31
C GLU B 47 15.54 16.06 1.40
N MET B 48 15.04 15.11 2.15
CA MET B 48 15.89 14.42 3.12
C MET B 48 17.32 14.14 2.61
N SER B 49 17.50 13.58 1.43
CA SER B 49 18.85 13.16 1.01
C SER B 49 19.85 14.29 0.70
N SER B 50 19.39 15.40 0.15
CA SER B 50 20.31 16.56 -0.04
C SER B 50 20.77 17.02 1.35
N LYS B 51 19.78 17.22 2.22
CA LYS B 51 20.01 17.91 3.46
C LYS B 51 20.66 17.06 4.56
N ILE B 52 20.59 15.72 4.49
CA ILE B 52 20.93 14.93 5.69
C ILE B 52 22.40 14.94 6.15
N GLN B 53 23.34 14.91 5.22
CA GLN B 53 24.73 14.84 5.60
C GLN B 53 25.03 15.66 6.90
N PRO B 54 24.90 17.01 6.86
CA PRO B 54 25.23 17.81 8.05
C PRO B 54 24.14 17.96 9.17
N ALA B 55 22.91 17.50 8.91
CA ALA B 55 21.77 17.72 9.82
C ALA B 55 21.85 16.97 11.17
N PRO B 56 21.56 17.68 12.28
CA PRO B 56 21.52 17.06 13.59
C PRO B 56 20.15 16.41 13.78
N PRO B 57 20.00 15.56 14.80
CA PRO B 57 18.70 14.91 14.99
C PRO B 57 17.53 15.86 14.93
N GLU B 58 17.65 17.04 15.53
CA GLU B 58 16.51 17.96 15.57
C GLU B 58 16.11 18.46 14.16
N GLU B 59 16.89 18.12 13.13
CA GLU B 59 16.58 18.46 11.76
C GLU B 59 16.23 17.21 10.99
N TYR B 60 16.97 16.13 11.20
CA TYR B 60 16.59 14.93 10.49
C TYR B 60 15.25 14.31 10.94
N VAL B 61 15.02 14.26 12.24
CA VAL B 61 13.76 13.76 12.69
C VAL B 61 12.57 14.39 11.93
N PRO B 62 12.50 15.73 11.82
CA PRO B 62 11.38 16.28 11.05
C PRO B 62 11.37 15.88 9.58
N MET B 63 12.54 15.73 8.97
CA MET B 63 12.59 15.28 7.57
C MET B 63 11.88 13.97 7.36
N VAL B 64 12.09 13.03 8.29
CA VAL B 64 11.40 11.74 8.27
C VAL B 64 9.90 11.94 8.51
N LYS B 65 9.54 12.87 9.41
CA LYS B 65 8.13 13.09 9.69
C LYS B 65 7.47 13.46 8.37
N GLU B 66 8.08 14.40 7.65
CA GLU B 66 7.61 14.74 6.30
C GLU B 66 7.31 13.46 5.49
N VAL B 67 8.33 12.65 5.29
CA VAL B 67 8.17 11.43 4.56
C VAL B 67 6.98 10.62 5.06
N GLY B 68 6.75 10.61 6.39
CA GLY B 68 5.65 9.84 6.95
C GLY B 68 4.34 10.50 6.57
N LEU B 69 4.32 11.83 6.68
CA LEU B 69 3.15 12.59 6.28
C LEU B 69 2.81 12.25 4.84
N ALA B 70 3.82 12.35 4.02
CA ALA B 70 3.71 12.12 2.62
C ALA B 70 3.16 10.73 2.37
N LEU B 71 3.69 9.77 3.13
CA LEU B 71 3.25 8.42 2.94
C LEU B 71 1.81 8.26 3.35
N ARG B 72 1.41 8.91 4.44
CA ARG B 72 0.09 8.68 4.93
C ARG B 72 -0.90 9.20 3.93
N THR B 73 -0.65 10.41 3.43
CA THR B 73 -1.53 10.98 2.42
C THR B 73 -1.56 9.98 1.29
N LEU B 74 -0.41 9.43 0.90
CA LEU B 74 -0.46 8.49 -0.21
C LEU B 74 -1.42 7.35 0.12
N LEU B 75 -1.15 6.62 1.18
CA LEU B 75 -1.92 5.43 1.48
C LEU B 75 -3.44 5.69 1.56
N ALA B 76 -3.78 6.85 2.14
CA ALA B 76 -5.14 7.33 2.16
C ALA B 76 -5.73 7.34 0.73
N THR B 77 -5.11 8.17 -0.11
CA THR B 77 -5.55 8.37 -1.49
C THR B 77 -5.78 7.03 -2.16
N VAL B 78 -4.78 6.16 -2.10
CA VAL B 78 -4.94 4.81 -2.60
C VAL B 78 -6.13 4.09 -1.99
N ASP B 79 -6.34 4.19 -0.68
CA ASP B 79 -7.50 3.45 -0.13
C ASP B 79 -8.77 3.85 -0.83
N GLU B 80 -8.82 5.10 -1.32
CA GLU B 80 -10.00 5.63 -2.02
C GLU B 80 -10.05 5.23 -3.46
N THR B 81 -8.94 4.78 -4.01
CA THR B 81 -8.91 4.46 -5.41
C THR B 81 -9.44 3.07 -5.65
N ILE B 82 -8.93 2.16 -4.84
CA ILE B 82 -9.25 0.76 -4.92
C ILE B 82 -10.66 0.47 -5.42
N PRO B 83 -11.70 0.98 -4.73
CA PRO B 83 -13.03 0.44 -5.13
C PRO B 83 -13.52 0.95 -6.46
N LEU B 84 -12.67 1.67 -7.16
CA LEU B 84 -12.96 2.01 -8.52
C LEU B 84 -12.28 1.04 -9.47
N LEU B 85 -11.45 0.14 -8.91
CA LEU B 85 -10.62 -0.78 -9.70
C LEU B 85 -11.14 -2.22 -9.73
N PRO B 86 -10.70 -3.01 -10.73
CA PRO B 86 -11.12 -4.37 -10.81
C PRO B 86 -10.79 -5.11 -9.53
N ALA B 87 -11.78 -5.85 -9.02
CA ALA B 87 -11.61 -6.63 -7.78
C ALA B 87 -10.39 -7.51 -7.86
N SER B 88 -10.12 -8.02 -9.06
CA SER B 88 -8.94 -8.83 -9.33
C SER B 88 -7.59 -8.20 -8.92
N THR B 89 -7.48 -6.88 -9.04
CA THR B 89 -6.26 -6.19 -8.75
C THR B 89 -6.24 -5.64 -7.34
N HIS B 90 -7.38 -5.76 -6.65
CA HIS B 90 -7.47 -5.30 -5.26
C HIS B 90 -6.48 -6.01 -4.37
N ARG B 91 -6.16 -7.26 -4.69
CA ARG B 91 -5.40 -8.07 -3.73
C ARG B 91 -3.98 -7.71 -3.85
N GLU B 92 -3.50 -7.60 -5.09
CA GLU B 92 -2.12 -7.18 -5.32
C GLU B 92 -1.77 -5.85 -4.72
N ILE B 93 -2.56 -4.81 -5.00
CA ILE B 93 -2.29 -3.46 -4.45
C ILE B 93 -2.24 -3.40 -2.92
N GLU B 94 -3.14 -4.14 -2.28
CA GLU B 94 -3.19 -4.15 -0.85
C GLU B 94 -1.82 -4.54 -0.33
N MET B 95 -1.19 -5.48 -1.02
CA MET B 95 0.07 -6.06 -0.55
C MET B 95 1.14 -5.07 -0.77
N ALA B 96 1.12 -4.45 -1.95
CA ALA B 96 1.96 -3.33 -2.20
C ALA B 96 1.87 -2.30 -1.07
N GLN B 97 0.66 -2.02 -0.60
CA GLN B 97 0.50 -1.04 0.49
C GLN B 97 1.25 -1.49 1.75
N LYS B 98 1.00 -2.72 2.21
CA LYS B 98 1.70 -3.24 3.38
C LYS B 98 3.22 -3.00 3.31
N LEU B 99 3.79 -3.30 2.13
CA LEU B 99 5.22 -3.17 1.91
C LEU B 99 5.70 -1.73 2.12
N LEU B 100 4.94 -0.76 1.62
CA LEU B 100 5.24 0.62 1.95
C LEU B 100 5.32 0.88 3.46
N ASN B 101 4.36 0.42 4.27
CA ASN B 101 4.52 0.61 5.74
C ASN B 101 5.83 0.06 6.26
N SER B 102 6.09 -1.22 5.98
CA SER B 102 7.39 -1.87 6.27
C SER B 102 8.58 -1.09 5.71
N ASP B 103 8.45 -0.50 4.54
CA ASP B 103 9.53 0.33 4.09
C ASP B 103 9.73 1.43 5.09
N LEU B 104 8.62 1.98 5.58
CA LEU B 104 8.65 3.04 6.58
C LEU B 104 9.12 2.52 7.93
N GLY B 105 8.66 1.33 8.31
CA GLY B 105 9.23 0.68 9.49
C GLY B 105 10.75 0.86 9.54
N GLU B 106 11.41 0.36 8.51
CA GLU B 106 12.87 0.39 8.41
C GLU B 106 13.44 1.82 8.47
N LEU B 107 12.78 2.77 7.82
CA LEU B 107 13.28 4.11 7.90
C LEU B 107 13.19 4.64 9.32
N ILE B 108 12.08 4.40 9.99
CA ILE B 108 11.98 4.82 11.38
C ILE B 108 13.09 4.14 12.20
N ASN B 109 13.21 2.83 12.07
CA ASN B 109 14.15 2.09 12.90
C ASN B 109 15.51 2.70 12.85
N LYS B 110 15.88 3.13 11.66
CA LYS B 110 17.24 3.61 11.40
C LYS B 110 17.39 4.99 11.98
N MET B 111 16.34 5.82 11.83
CA MET B 111 16.30 7.15 12.42
C MET B 111 16.57 7.03 13.94
N LYS B 112 16.02 6.00 14.58
CA LYS B 112 16.22 5.87 16.02
C LYS B 112 17.69 5.65 16.32
N LEU B 113 18.36 4.90 15.45
CA LEU B 113 19.74 4.52 15.66
C LEU B 113 20.60 5.73 15.48
N ALA B 114 20.27 6.49 14.44
CA ALA B 114 21.00 7.70 14.11
C ALA B 114 21.07 8.66 15.30
N GLN B 115 20.01 8.68 16.11
CA GLN B 115 19.86 9.53 17.30
C GLN B 115 20.64 9.07 18.48
N GLN B 116 20.50 7.79 18.87
CA GLN B 116 21.31 7.28 19.99
C GLN B 116 22.77 7.59 19.79
N TYR B 117 23.18 7.70 18.53
CA TYR B 117 24.61 7.75 18.19
C TYR B 117 25.07 9.15 17.73
N VAL B 118 24.41 10.17 18.26
CA VAL B 118 24.62 11.53 17.82
C VAL B 118 25.94 12.14 18.29
N MET B 119 26.59 11.48 19.25
CA MET B 119 27.88 11.93 19.71
C MET B 119 29.02 11.08 19.11
N THR B 120 28.69 10.16 18.20
CA THR B 120 29.66 9.15 17.73
C THR B 120 29.82 9.03 16.21
N SER B 121 30.87 8.29 15.82
CA SER B 121 31.14 7.93 14.43
C SER B 121 29.90 7.43 13.70
N LEU B 122 29.20 6.47 14.35
CA LEU B 122 27.97 5.81 13.84
C LEU B 122 26.78 6.73 13.54
N GLN B 123 26.90 8.03 13.77
CA GLN B 123 25.85 8.92 13.28
C GLN B 123 25.80 8.75 11.76
N GLN B 124 26.98 8.70 11.14
CA GLN B 124 27.03 8.84 9.67
C GLN B 124 26.69 7.55 8.93
N GLU B 125 26.99 6.42 9.59
CA GLU B 125 26.58 5.12 9.11
C GLU B 125 25.08 5.00 9.21
N TYR B 126 24.55 5.20 10.40
CA TYR B 126 23.10 5.07 10.54
C TYR B 126 22.41 6.05 9.61
N LYS B 127 23.01 7.23 9.35
CA LYS B 127 22.45 8.14 8.33
C LYS B 127 22.47 7.46 6.95
N LYS B 128 23.55 6.80 6.58
CA LYS B 128 23.57 6.11 5.27
C LYS B 128 22.45 5.12 5.20
N GLN B 129 22.26 4.34 6.25
CA GLN B 129 21.15 3.39 6.25
C GLN B 129 19.73 4.02 6.14
N MET B 130 19.57 5.24 6.60
CA MET B 130 18.33 5.91 6.44
C MET B 130 18.08 6.08 4.97
N LEU B 131 19.06 6.62 4.25
CA LEU B 131 18.86 6.89 2.82
C LEU B 131 18.54 5.60 2.04
N THR B 132 19.25 4.51 2.34
CA THR B 132 18.88 3.21 1.77
C THR B 132 17.38 2.97 1.95
N ALA B 133 16.92 3.04 3.19
CA ALA B 133 15.54 2.71 3.51
C ALA B 133 14.62 3.71 2.84
N ALA B 134 15.05 4.97 2.80
CA ALA B 134 14.28 6.02 2.14
C ALA B 134 14.23 5.78 0.61
N HIS B 135 15.39 5.44 0.02
CA HIS B 135 15.40 4.97 -1.36
C HIS B 135 14.36 3.85 -1.67
N ALA B 136 14.42 2.72 -0.94
CA ALA B 136 13.40 1.66 -1.07
C ALA B 136 11.98 2.22 -1.15
N LEU B 137 11.59 3.04 -0.18
CA LEU B 137 10.23 3.54 -0.11
C LEU B 137 9.92 4.16 -1.44
N ALA B 138 10.75 5.09 -1.92
CA ALA B 138 10.43 5.69 -3.21
C ALA B 138 10.18 4.61 -4.26
N VAL B 139 11.12 3.70 -4.39
CA VAL B 139 11.09 2.78 -5.49
C VAL B 139 9.75 2.09 -5.44
N ASP B 140 9.40 1.62 -4.23
CA ASP B 140 8.17 0.85 -4.07
C ASP B 140 6.97 1.73 -4.32
N ALA B 141 7.06 2.96 -3.89
CA ALA B 141 5.95 3.85 -4.13
C ALA B 141 5.78 4.06 -5.65
N LYS B 142 6.84 3.82 -6.43
CA LYS B 142 6.68 4.06 -7.83
C LYS B 142 6.13 2.83 -8.50
N ASN B 143 6.72 1.67 -8.19
CA ASN B 143 6.08 0.38 -8.51
C ASN B 143 4.55 0.40 -8.25
N LEU B 144 4.14 1.00 -7.12
CA LEU B 144 2.76 1.18 -6.81
C LEU B 144 2.02 1.87 -7.92
N LEU B 145 2.25 3.15 -8.08
CA LEU B 145 1.72 3.90 -9.21
C LEU B 145 1.61 2.98 -10.44
N ASP B 146 2.69 2.26 -10.78
CA ASP B 146 2.62 1.42 -11.97
C ASP B 146 1.50 0.36 -11.89
N VAL B 147 1.39 -0.33 -10.75
CA VAL B 147 0.33 -1.30 -10.53
C VAL B 147 -1.07 -0.66 -10.69
N ILE B 148 -1.20 0.55 -10.14
CA ILE B 148 -2.46 1.27 -10.24
C ILE B 148 -2.66 1.80 -11.67
N ASP B 149 -1.61 1.94 -12.45
CA ASP B 149 -1.92 2.33 -13.80
C ASP B 149 -2.49 1.14 -14.56
N GLN B 150 -1.77 0.02 -14.49
CA GLN B 150 -2.25 -1.21 -15.04
C GLN B 150 -3.69 -1.56 -14.62
N ALA B 151 -4.04 -1.12 -13.41
CA ALA B 151 -5.36 -1.34 -12.80
C ALA B 151 -6.42 -0.51 -13.49
N ARG B 152 -6.17 0.78 -13.52
CA ARG B 152 -6.99 1.70 -14.30
C ARG B 152 -7.26 1.23 -15.73
N LEU B 153 -6.23 0.79 -16.47
CA LEU B 153 -6.37 0.52 -17.92
C LEU B 153 -7.22 -0.70 -18.16
N LYS B 154 -7.13 -1.64 -17.22
CA LYS B 154 -7.99 -2.79 -17.19
C LYS B 154 -9.44 -2.37 -17.01
N MET B 155 -9.67 -1.37 -16.16
CA MET B 155 -11.05 -0.96 -15.83
C MET B 155 -11.64 -0.29 -17.02
N LEU B 156 -10.82 0.45 -17.75
CA LEU B 156 -11.24 1.15 -18.95
C LEU B 156 -11.29 0.23 -20.17
N GLY B 157 -10.56 -0.87 -20.09
CA GLY B 157 -10.39 -1.79 -21.22
C GLY B 157 -9.51 -1.15 -22.29
N ILE C 19 35.54 -0.14 -0.72
CA ILE C 19 36.00 -1.49 -0.24
C ILE C 19 37.57 -1.81 -0.44
N SER C 20 38.13 -2.78 0.33
CA SER C 20 39.57 -2.76 0.64
C SER C 20 40.44 -4.08 0.54
N PRO C 21 41.82 -3.98 0.62
CA PRO C 21 42.68 -5.14 0.35
C PRO C 21 42.56 -6.27 1.36
N PRO C 22 43.15 -7.42 1.06
CA PRO C 22 42.95 -8.59 1.88
C PRO C 22 43.69 -8.47 3.18
N PRO C 23 43.29 -9.25 4.21
CA PRO C 23 43.89 -9.21 5.53
C PRO C 23 45.39 -9.21 5.43
N THR C 24 46.05 -8.49 6.31
CA THR C 24 47.46 -8.40 6.22
C THR C 24 48.06 -9.75 6.58
N ALA C 25 49.19 -10.03 5.91
CA ALA C 25 50.02 -11.18 6.22
C ALA C 25 51.08 -10.81 7.28
N ASN C 26 51.21 -9.52 7.61
CA ASN C 26 52.18 -9.12 8.65
C ASN C 26 51.76 -9.59 10.05
N LEU C 27 50.62 -10.28 10.14
CA LEU C 27 50.17 -10.90 11.41
C LEU C 27 49.99 -12.44 11.27
N ASP C 28 49.93 -13.14 12.40
CA ASP C 28 49.80 -14.62 12.41
C ASP C 28 48.37 -15.12 12.72
N ARG C 29 47.66 -15.53 11.67
CA ARG C 29 46.29 -16.06 11.78
C ARG C 29 46.22 -17.42 12.49
N SER C 30 47.39 -17.99 12.73
CA SER C 30 47.50 -19.32 13.29
C SER C 30 46.77 -19.45 14.62
N ASN C 31 46.62 -18.33 15.32
CA ASN C 31 46.16 -18.32 16.70
C ASN C 31 45.02 -17.33 16.85
N ASP C 32 44.48 -16.91 15.72
CA ASP C 32 43.64 -15.72 15.67
C ASP C 32 42.15 -16.04 15.75
N LYS C 33 41.67 -16.40 16.95
CA LYS C 33 40.23 -16.58 17.25
C LYS C 33 39.30 -15.48 16.69
N VAL C 34 39.81 -14.28 16.38
CA VAL C 34 38.92 -13.26 15.78
C VAL C 34 38.62 -13.71 14.38
N TYR C 35 39.70 -13.92 13.63
CA TYR C 35 39.66 -14.39 12.25
C TYR C 35 38.80 -15.67 12.16
N GLU C 36 39.23 -16.74 12.81
CA GLU C 36 38.44 -17.99 12.91
C GLU C 36 36.93 -17.70 13.14
N ASN C 37 36.64 -16.73 14.00
CA ASN C 37 35.26 -16.41 14.39
C ASN C 37 34.43 -15.64 13.40
N VAL C 38 35.09 -14.72 12.70
CA VAL C 38 34.48 -13.96 11.63
C VAL C 38 34.24 -14.93 10.49
N THR C 39 35.23 -15.77 10.19
CA THR C 39 35.07 -16.82 9.18
C THR C 39 33.84 -17.64 9.51
N GLY C 40 33.68 -17.99 10.79
CA GLY C 40 32.46 -18.64 11.28
C GLY C 40 31.22 -17.84 10.94
N LEU C 41 31.20 -16.57 11.32
CA LEU C 41 30.04 -15.72 11.04
C LEU C 41 29.71 -15.57 9.57
N VAL C 42 30.71 -15.64 8.70
CA VAL C 42 30.37 -15.47 7.32
C VAL C 42 29.78 -16.78 6.83
N LYS C 43 30.56 -17.84 7.02
CA LYS C 43 30.11 -19.14 6.65
C LYS C 43 28.62 -19.36 6.99
N ALA C 44 28.16 -18.85 8.13
CA ALA C 44 26.77 -19.03 8.58
C ALA C 44 25.80 -18.28 7.69
N VAL C 45 26.18 -17.06 7.33
CA VAL C 45 25.46 -16.27 6.34
C VAL C 45 25.41 -17.05 5.05
N ILE C 46 26.59 -17.36 4.51
CA ILE C 46 26.67 -18.02 3.23
C ILE C 46 25.86 -19.30 3.29
N GLU C 47 25.79 -19.94 4.45
CA GLU C 47 24.88 -21.08 4.60
C GLU C 47 23.42 -20.64 4.48
N MET C 48 22.96 -19.85 5.45
CA MET C 48 21.59 -19.31 5.37
C MET C 48 21.14 -18.99 3.94
N SER C 49 21.85 -18.07 3.28
CA SER C 49 21.56 -17.75 1.88
C SER C 49 21.61 -18.97 0.94
N SER C 50 22.67 -19.79 1.05
CA SER C 50 22.76 -21.00 0.23
C SER C 50 21.41 -21.69 0.19
N LYS C 51 20.88 -22.06 1.35
CA LYS C 51 19.62 -22.77 1.39
C LYS C 51 18.43 -21.81 1.25
N ILE C 52 17.85 -21.40 2.37
CA ILE C 52 16.81 -20.34 2.44
C ILE C 52 15.66 -20.35 1.42
N GLN C 53 15.91 -19.76 0.24
CA GLN C 53 14.92 -19.47 -0.79
C GLN C 53 13.75 -20.49 -0.98
N PRO C 54 14.05 -21.81 -1.05
CA PRO C 54 12.92 -22.76 -1.10
C PRO C 54 12.21 -23.11 0.23
N ALA C 55 12.79 -22.72 1.38
CA ALA C 55 12.39 -23.26 2.69
C ALA C 55 11.45 -22.38 3.54
N PRO C 56 10.55 -23.01 4.34
CA PRO C 56 9.57 -22.31 5.21
C PRO C 56 10.15 -21.80 6.57
N PRO C 57 9.31 -21.12 7.40
CA PRO C 57 9.74 -20.64 8.74
C PRO C 57 10.34 -21.70 9.66
N GLU C 58 9.81 -22.93 9.59
CA GLU C 58 10.33 -24.07 10.36
C GLU C 58 11.82 -24.26 10.09
N GLU C 59 12.23 -23.98 8.85
CA GLU C 59 13.62 -24.15 8.44
C GLU C 59 14.51 -22.89 8.58
N TYR C 60 14.01 -21.72 8.21
CA TYR C 60 14.89 -20.52 8.29
C TYR C 60 15.01 -19.84 9.65
N VAL C 61 14.00 -19.93 10.52
CA VAL C 61 14.17 -19.29 11.83
C VAL C 61 15.40 -19.87 12.56
N PRO C 62 15.40 -21.17 12.88
CA PRO C 62 16.69 -21.72 13.31
C PRO C 62 17.93 -21.41 12.44
N MET C 63 17.77 -21.31 11.12
CA MET C 63 18.91 -20.94 10.24
C MET C 63 19.55 -19.65 10.71
N VAL C 64 18.71 -18.74 11.22
CA VAL C 64 19.12 -17.42 11.72
C VAL C 64 19.67 -17.53 13.13
N LYS C 65 19.01 -18.33 13.97
CA LYS C 65 19.59 -18.64 15.27
C LYS C 65 21.10 -18.93 15.11
N GLU C 66 21.44 -19.70 14.07
CA GLU C 66 22.83 -20.10 13.81
C GLU C 66 23.72 -18.90 13.43
N VAL C 67 23.13 -17.92 12.76
CA VAL C 67 23.85 -16.66 12.59
C VAL C 67 24.02 -15.95 13.93
N GLY C 68 22.97 -15.88 14.74
CA GLY C 68 23.04 -15.19 16.05
C GLY C 68 24.07 -15.81 16.99
N LEU C 69 24.03 -17.13 17.09
CA LEU C 69 25.04 -17.91 17.81
C LEU C 69 26.47 -17.50 17.39
N ALA C 70 26.71 -17.42 16.09
CA ALA C 70 28.07 -17.19 15.62
C ALA C 70 28.46 -15.74 15.75
N LEU C 71 27.45 -14.88 15.88
CA LEU C 71 27.68 -13.49 16.20
C LEU C 71 28.01 -13.36 17.69
N ARG C 72 27.21 -13.99 18.52
CA ARG C 72 27.45 -13.88 19.93
C ARG C 72 28.87 -14.32 20.25
N THR C 73 29.33 -15.41 19.65
CA THR C 73 30.71 -15.82 19.87
C THR C 73 31.61 -14.68 19.50
N LEU C 74 31.50 -14.20 18.27
CA LEU C 74 32.39 -13.16 17.78
C LEU C 74 32.57 -11.99 18.74
N LEU C 75 31.47 -11.45 19.26
CA LEU C 75 31.59 -10.30 20.14
C LEU C 75 32.27 -10.70 21.42
N ALA C 76 31.91 -11.86 21.97
CA ALA C 76 32.56 -12.40 23.18
C ALA C 76 34.06 -12.35 23.01
N THR C 77 34.53 -12.88 21.88
CA THR C 77 35.95 -12.90 21.60
C THR C 77 36.52 -11.52 21.44
N VAL C 78 35.79 -10.62 20.80
CA VAL C 78 36.28 -9.25 20.70
C VAL C 78 36.45 -8.61 22.07
N ASP C 79 35.55 -8.87 23.00
CA ASP C 79 35.73 -8.36 24.36
C ASP C 79 37.11 -8.74 24.94
N GLU C 80 37.30 -10.03 25.20
CA GLU C 80 38.61 -10.65 25.51
C GLU C 80 39.85 -10.02 24.84
N THR C 81 39.66 -9.57 23.60
CA THR C 81 40.71 -8.99 22.79
C THR C 81 40.98 -7.50 23.08
N ILE C 82 39.91 -6.71 23.22
CA ILE C 82 40.03 -5.25 23.34
C ILE C 82 40.87 -4.76 24.52
N PRO C 83 40.77 -5.42 25.69
CA PRO C 83 41.42 -4.80 26.82
C PRO C 83 42.95 -4.81 26.63
N LEU C 84 43.46 -5.73 25.83
CA LEU C 84 44.91 -5.88 25.63
C LEU C 84 45.42 -5.38 24.28
N LEU C 85 44.61 -4.53 23.66
CA LEU C 85 45.01 -3.74 22.51
C LEU C 85 45.17 -2.34 23.08
N PRO C 86 45.72 -1.38 22.32
CA PRO C 86 45.78 0.03 22.74
C PRO C 86 44.46 0.67 23.19
N ALA C 87 44.55 1.58 24.17
CA ALA C 87 43.38 2.33 24.62
C ALA C 87 42.97 3.34 23.57
N SER C 88 43.97 4.05 23.08
CA SER C 88 43.84 5.12 22.10
C SER C 88 42.93 4.78 20.93
N THR C 89 42.55 3.51 20.86
CA THR C 89 41.78 3.00 19.74
C THR C 89 40.88 1.79 20.11
N HIS C 90 39.96 2.04 21.02
CA HIS C 90 38.93 1.07 21.31
C HIS C 90 37.70 1.64 20.68
N ARG C 91 37.60 2.97 20.72
CA ARG C 91 36.45 3.68 20.16
C ARG C 91 36.11 3.27 18.71
N GLU C 92 37.14 3.09 17.90
CA GLU C 92 36.96 2.59 16.54
C GLU C 92 36.31 1.20 16.53
N ILE C 93 36.75 0.33 17.46
CA ILE C 93 36.29 -1.06 17.54
C ILE C 93 34.99 -1.11 18.29
N GLU C 94 34.88 -0.37 19.38
CA GLU C 94 33.66 -0.42 20.15
C GLU C 94 32.48 -0.33 19.17
N MET C 95 32.58 0.66 18.29
CA MET C 95 31.53 1.02 17.37
C MET C 95 31.41 0.02 16.23
N ALA C 96 32.57 -0.48 15.77
CA ALA C 96 32.57 -1.60 14.85
C ALA C 96 31.58 -2.65 15.37
N GLN C 97 31.78 -3.13 16.60
CA GLN C 97 30.93 -4.18 17.18
C GLN C 97 29.49 -3.80 17.41
N LYS C 98 29.21 -2.53 17.64
CA LYS C 98 27.83 -2.16 17.80
C LYS C 98 27.11 -2.30 16.46
N LEU C 99 27.85 -2.03 15.38
CA LEU C 99 27.26 -2.00 14.06
C LEU C 99 26.67 -3.35 13.73
N LEU C 100 27.44 -4.37 14.03
CA LEU C 100 26.99 -5.73 13.87
C LEU C 100 25.72 -6.02 14.65
N ASN C 101 25.49 -5.37 15.79
CA ASN C 101 24.25 -5.61 16.49
C ASN C 101 23.00 -5.08 15.78
N SER C 102 23.11 -3.86 15.24
CA SER C 102 22.04 -3.24 14.47
C SER C 102 21.87 -4.01 13.17
N ASP C 103 22.98 -4.45 12.58
CA ASP C 103 22.94 -5.36 11.46
C ASP C 103 22.12 -6.55 11.77
N LEU C 104 22.48 -7.24 12.83
CA LEU C 104 21.68 -8.38 13.26
C LEU C 104 20.22 -8.00 13.47
N GLY C 105 19.97 -6.91 14.21
CA GLY C 105 18.60 -6.47 14.53
C GLY C 105 17.75 -6.34 13.30
N GLU C 106 18.37 -5.87 12.21
CA GLU C 106 17.70 -5.70 10.90
C GLU C 106 17.29 -7.06 10.42
N LEU C 107 18.24 -7.99 10.42
CA LEU C 107 17.91 -9.37 10.07
C LEU C 107 16.69 -9.88 10.79
N ILE C 108 16.66 -9.72 12.11
CA ILE C 108 15.61 -10.35 12.89
C ILE C 108 14.26 -9.80 12.45
N ASN C 109 14.24 -8.47 12.22
CA ASN C 109 13.02 -7.79 11.78
C ASN C 109 12.49 -8.37 10.50
N LYS C 110 13.38 -8.71 9.57
CA LYS C 110 12.88 -9.13 8.28
C LYS C 110 12.45 -10.57 8.37
N MET C 111 13.04 -11.30 9.32
CA MET C 111 12.59 -12.64 9.64
C MET C 111 11.18 -12.56 10.21
N LYS C 112 11.00 -11.87 11.35
CA LYS C 112 9.66 -11.70 11.92
C LYS C 112 8.59 -11.39 10.85
N LEU C 113 8.94 -10.62 9.84
CA LEU C 113 8.01 -10.23 8.79
C LEU C 113 7.67 -11.38 7.85
N ALA C 114 8.70 -12.01 7.29
CA ALA C 114 8.50 -13.10 6.34
C ALA C 114 7.65 -14.18 7.01
N GLN C 115 7.95 -14.45 8.27
CA GLN C 115 7.13 -15.28 9.13
C GLN C 115 5.65 -14.91 9.02
N GLN C 116 5.38 -13.62 9.25
CA GLN C 116 4.07 -12.98 9.15
C GLN C 116 3.32 -13.38 7.89
N TYR C 117 4.03 -13.33 6.77
CA TYR C 117 3.42 -13.41 5.45
C TYR C 117 3.82 -14.70 4.76
N VAL C 118 3.73 -15.78 5.52
CA VAL C 118 4.11 -17.12 5.10
C VAL C 118 3.46 -17.58 3.75
N MET C 119 2.26 -17.11 3.41
CA MET C 119 1.60 -17.60 2.20
C MET C 119 1.10 -16.51 1.27
N THR C 120 1.94 -15.52 1.02
CA THR C 120 1.54 -14.32 0.26
C THR C 120 2.64 -13.93 -0.71
N SER C 121 2.31 -13.04 -1.63
CA SER C 121 3.29 -12.52 -2.61
C SER C 121 4.50 -11.97 -1.91
N LEU C 122 4.24 -11.32 -0.77
CA LEU C 122 5.27 -10.55 -0.03
C LEU C 122 6.34 -11.38 0.60
N GLN C 123 6.04 -12.64 0.90
CA GLN C 123 7.04 -13.51 1.54
C GLN C 123 8.28 -13.58 0.67
N GLN C 124 8.10 -13.58 -0.64
CA GLN C 124 9.23 -13.48 -1.54
C GLN C 124 10.15 -12.28 -1.28
N GLU C 125 9.54 -11.17 -0.87
CA GLU C 125 10.22 -9.92 -0.72
C GLU C 125 10.98 -9.91 0.58
N TYR C 126 10.28 -10.15 1.68
CA TYR C 126 10.97 -10.12 2.95
C TYR C 126 12.13 -11.10 2.95
N LYS C 127 11.99 -12.24 2.29
CA LYS C 127 13.15 -13.09 2.03
C LYS C 127 14.33 -12.31 1.39
N LYS C 128 14.10 -11.60 0.28
CA LYS C 128 15.17 -10.81 -0.37
C LYS C 128 15.80 -9.80 0.58
N GLN C 129 14.96 -9.21 1.42
CA GLN C 129 15.41 -8.27 2.40
C GLN C 129 16.29 -8.97 3.42
N MET C 130 15.91 -10.17 3.84
CA MET C 130 16.74 -10.91 4.81
C MET C 130 18.16 -11.00 4.27
N LEU C 131 18.28 -11.42 3.00
CA LEU C 131 19.59 -11.66 2.44
C LEU C 131 20.39 -10.37 2.40
N THR C 132 19.76 -9.23 2.09
CA THR C 132 20.55 -7.99 2.01
C THR C 132 21.15 -7.67 3.39
N ALA C 133 20.34 -7.85 4.45
CA ALA C 133 20.79 -7.62 5.84
C ALA C 133 21.88 -8.58 6.30
N ALA C 134 21.67 -9.88 6.10
CA ALA C 134 22.73 -10.85 6.41
C ALA C 134 23.99 -10.60 5.58
N HIS C 135 23.84 -10.06 4.37
CA HIS C 135 25.01 -9.62 3.60
C HIS C 135 25.73 -8.49 4.35
N ALA C 136 25.00 -7.41 4.63
CA ALA C 136 25.59 -6.27 5.35
C ALA C 136 26.38 -6.82 6.50
N LEU C 137 25.71 -7.62 7.33
CA LEU C 137 26.33 -8.28 8.49
C LEU C 137 27.74 -8.82 8.17
N ALA C 138 27.81 -9.87 7.34
CA ALA C 138 29.07 -10.37 6.79
C ALA C 138 30.06 -9.30 6.31
N VAL C 139 29.64 -8.36 5.45
CA VAL C 139 30.55 -7.27 5.01
C VAL C 139 31.16 -6.57 6.22
N ASP C 140 30.26 -6.25 7.17
CA ASP C 140 30.63 -5.59 8.43
C ASP C 140 31.40 -6.44 9.43
N ALA C 141 31.13 -7.74 9.46
CA ALA C 141 31.99 -8.63 10.20
C ALA C 141 33.41 -8.61 9.60
N LYS C 142 33.49 -8.63 8.26
CA LYS C 142 34.76 -8.74 7.56
C LYS C 142 35.48 -7.42 7.85
N ASN C 143 34.66 -6.43 8.14
CA ASN C 143 35.15 -5.10 8.25
C ASN C 143 35.67 -4.78 9.66
N LEU C 144 35.07 -5.42 10.67
CA LEU C 144 35.54 -5.31 12.02
C LEU C 144 37.00 -5.79 12.13
N LEU C 145 37.21 -7.09 11.96
CA LEU C 145 38.55 -7.65 11.84
C LEU C 145 39.54 -6.69 11.16
N ASP C 146 39.08 -5.96 10.13
CA ASP C 146 39.97 -5.01 9.46
C ASP C 146 40.60 -3.98 10.36
N VAL C 147 39.78 -3.33 11.18
CA VAL C 147 40.27 -2.42 12.24
C VAL C 147 41.11 -3.11 13.34
N ILE C 148 40.56 -4.12 14.02
CA ILE C 148 41.38 -4.88 14.97
C ILE C 148 42.80 -5.11 14.45
N ASP C 149 42.92 -5.48 13.18
CA ASP C 149 44.23 -5.64 12.59
C ASP C 149 45.02 -4.34 12.74
N GLN C 150 44.47 -3.26 12.19
CA GLN C 150 45.17 -1.98 12.22
C GLN C 150 45.61 -1.58 13.63
N ALA C 151 44.77 -1.93 14.61
CA ALA C 151 45.13 -1.84 16.03
C ALA C 151 46.36 -2.70 16.35
N ARG C 152 46.30 -3.99 16.05
CA ARG C 152 47.43 -4.83 16.36
C ARG C 152 48.65 -4.30 15.66
N LEU C 153 48.52 -3.85 14.40
CA LEU C 153 49.71 -3.36 13.68
C LEU C 153 50.42 -2.23 14.40
N LYS C 154 49.73 -1.10 14.51
CA LYS C 154 50.29 0.05 15.21
C LYS C 154 50.81 -0.31 16.62
N MET C 155 50.06 -1.13 17.37
CA MET C 155 50.55 -1.61 18.68
C MET C 155 52.00 -2.14 18.69
N LEU C 156 52.53 -2.58 17.54
CA LEU C 156 53.91 -3.09 17.47
C LEU C 156 54.86 -2.10 16.80
N GLY C 157 54.52 -1.72 15.56
CA GLY C 157 55.19 -0.61 14.88
C GLY C 157 54.97 0.69 15.65
N ARG D 4 -42.32 3.82 -27.37
CA ARG D 4 -42.88 3.50 -26.03
C ARG D 4 -42.06 2.40 -25.37
N MET D 5 -42.54 1.15 -25.48
CA MET D 5 -41.86 -0.03 -24.94
C MET D 5 -40.48 -0.20 -25.56
N SER D 6 -40.48 -0.23 -26.90
CA SER D 6 -39.28 -0.41 -27.74
C SER D 6 -38.15 0.60 -27.47
N GLN D 7 -38.52 1.80 -27.01
CA GLN D 7 -37.56 2.87 -26.74
C GLN D 7 -36.62 2.59 -25.53
N ILE D 8 -37.19 2.19 -24.39
CA ILE D 8 -36.36 1.91 -23.20
C ILE D 8 -35.66 0.55 -23.33
N LYS D 9 -36.34 -0.37 -24.00
CA LYS D 9 -35.88 -1.75 -24.15
C LYS D 9 -34.53 -1.87 -24.86
N ARG D 10 -34.16 -0.87 -25.65
CA ARG D 10 -32.84 -0.81 -26.28
C ARG D 10 -31.80 -0.37 -25.26
N LEU D 11 -32.03 0.81 -24.68
CA LEU D 11 -31.11 1.36 -23.67
C LEU D 11 -30.99 0.45 -22.46
N LEU D 12 -31.96 -0.46 -22.33
CA LEU D 12 -31.94 -1.48 -21.29
C LEU D 12 -30.70 -2.36 -21.27
N SER D 13 -30.08 -2.60 -22.43
CA SER D 13 -28.99 -3.59 -22.45
C SER D 13 -27.67 -3.13 -23.09
N GLU D 14 -27.45 -1.82 -23.13
CA GLU D 14 -26.25 -1.25 -23.78
C GLU D 14 -25.03 -1.36 -22.90
N ARG E 4 6.16 0.66 11.07
CA ARG E 4 4.90 0.52 10.27
C ARG E 4 3.72 1.30 10.90
N MET E 5 2.50 0.80 10.60
CA MET E 5 1.21 1.30 11.13
C MET E 5 1.28 1.86 12.55
N SER E 6 1.79 1.03 13.47
CA SER E 6 1.93 1.44 14.86
C SER E 6 2.91 2.62 14.96
N GLN E 7 4.18 2.40 14.61
CA GLN E 7 5.18 3.48 14.61
C GLN E 7 4.82 4.69 13.73
N ILE E 8 4.39 4.46 12.48
CA ILE E 8 3.95 5.58 11.61
C ILE E 8 3.05 6.55 12.34
N LYS E 9 1.96 6.04 12.89
CA LYS E 9 1.05 6.87 13.67
C LYS E 9 1.70 7.46 14.91
N ARG E 10 2.76 6.81 15.40
CA ARG E 10 3.56 7.32 16.52
C ARG E 10 4.59 8.34 16.05
N LEU E 11 5.37 7.95 15.04
CA LEU E 11 6.32 8.83 14.41
C LEU E 11 5.68 10.18 14.25
N LEU E 12 4.41 10.15 13.86
CA LEU E 12 3.70 11.35 13.45
C LEU E 12 3.13 12.14 14.61
N SER E 13 2.05 11.64 15.21
CA SER E 13 1.39 12.30 16.32
C SER E 13 2.34 12.77 17.43
N GLU E 14 3.51 12.13 17.54
CA GLU E 14 4.46 12.50 18.59
C GLU E 14 5.77 13.05 18.00
N SER F 6 20.93 -8.64 22.84
CA SER F 6 19.68 -7.82 23.05
C SER F 6 18.40 -8.51 22.54
N GLN F 7 18.16 -8.47 21.23
CA GLN F 7 17.16 -9.34 20.59
C GLN F 7 17.90 -10.61 20.21
N ILE F 8 19.18 -10.43 19.91
CA ILE F 8 20.13 -11.50 19.86
C ILE F 8 19.83 -12.40 21.05
N LYS F 9 19.77 -11.81 22.24
CA LYS F 9 19.33 -12.51 23.46
C LYS F 9 17.89 -13.03 23.44
N ARG F 10 17.01 -12.26 22.76
CA ARG F 10 15.62 -12.68 22.59
C ARG F 10 15.54 -13.86 21.64
N LEU F 11 16.22 -13.76 20.50
CA LEU F 11 16.31 -14.83 19.52
C LEU F 11 17.07 -16.06 20.04
N LEU F 12 18.18 -15.82 20.75
CA LEU F 12 19.02 -16.95 21.23
C LEU F 12 18.45 -17.71 22.44
N SER F 13 17.14 -17.47 22.70
CA SER F 13 16.41 -18.37 23.60
C SER F 13 14.93 -18.42 23.19
N GLU F 14 14.52 -17.49 22.32
CA GLU F 14 13.24 -17.58 21.62
C GLU F 14 13.55 -18.14 20.21
#